data_5HUX
#
_entry.id   5HUX
#
_cell.length_a   101.104
_cell.length_b   46.662
_cell.length_c   89.394
_cell.angle_alpha   90.00
_cell.angle_beta   90.56
_cell.angle_gamma   90.00
#
_symmetry.space_group_name_H-M   'C 1 2 1'
#
loop_
_entity.id
_entity.type
_entity.pdbx_description
1 polymer 'Probable sugar kinase'
2 non-polymer "ADENOSINE-5'-DIPHOSPHATE"
3 water water
#
_entity_poly.entity_id   1
_entity_poly.type   'polypeptide(L)'
_entity_poly.pdbx_seq_one_letter_code
;MGMVVALGLDFGTSGARAIACDFDSDRSVSVSVTFPKTSQNWPQVWREALWQLLTQIPADWRSRIERIAIDGTSGTVLLC
DREGQPQTEPLLYNQACPIDLADLADWVPADHAALSSTSSLAKLWFWQQQFGALPPDWQILAQADWLSLQLHGCSQQSDY
HNALKLGYSPDRERFSKNLLDSELGALLPVVHEPGVAIGPILPAIAQEFGLSPDCQICAGTTDSIAAFLASGAHQPGEAV
TSLGSTIVLKLLSQVAVSDRLTGVYSHKLGGYWLTGGASNCGGATLRQFFPDTELESLSCQIDPTKKSGLDYYPLPSRGE
RFPIADPDRLPQLEPRPENPVQFLQGLLEGLTQVETLGYQRLQDLGATPLKRIWTAGGGAKNAVWQQLRQQAIGVPIAIA
PNTEAAFGTARLAAFGLAAFHSAGLKRTLEHHHHHH
;
_entity_poly.pdbx_strand_id   A
#
loop_
_chem_comp.id
_chem_comp.type
_chem_comp.name
_chem_comp.formula
ADP non-polymer ADENOSINE-5'-DIPHOSPHATE 'C10 H15 N5 O10 P2'
#
# COMPACT_ATOMS: atom_id res chain seq x y z
N MET A 3 -7.53 -11.34 23.86
CA MET A 3 -7.54 -11.03 22.43
C MET A 3 -7.40 -12.28 21.57
N VAL A 4 -6.96 -12.07 20.33
CA VAL A 4 -7.06 -13.08 19.28
C VAL A 4 -5.69 -13.44 18.68
N VAL A 5 -5.50 -14.71 18.35
CA VAL A 5 -4.42 -15.11 17.47
C VAL A 5 -4.87 -14.89 16.03
N ALA A 6 -4.14 -14.04 15.29
CA ALA A 6 -4.57 -13.67 13.95
C ALA A 6 -3.46 -13.91 12.93
N LEU A 7 -3.86 -14.16 11.69
CA LEU A 7 -2.91 -14.43 10.63
C LEU A 7 -3.03 -13.40 9.52
N GLY A 8 -1.91 -12.77 9.18
CA GLY A 8 -1.85 -11.86 8.05
C GLY A 8 -1.00 -12.46 6.94
N LEU A 9 -1.52 -12.38 5.71
CA LEU A 9 -0.80 -12.84 4.53
C LEU A 9 -0.56 -11.69 3.58
N ASP A 10 0.70 -11.48 3.19
CA ASP A 10 1.10 -10.37 2.34
C ASP A 10 1.64 -10.91 1.02
N PHE A 11 0.92 -10.67 -0.07
CA PHE A 11 1.43 -11.04 -1.39
C PHE A 11 1.95 -9.77 -2.08
N GLY A 12 3.27 -9.67 -2.19
CA GLY A 12 3.88 -8.47 -2.72
C GLY A 12 4.47 -8.61 -4.11
N THR A 13 5.41 -7.72 -4.42
CA THR A 13 5.96 -7.61 -5.76
C THR A 13 6.93 -8.73 -6.13
N SER A 14 7.51 -9.40 -5.14
CA SER A 14 8.50 -10.43 -5.43
C SER A 14 8.37 -11.69 -4.57
N GLY A 15 7.41 -11.70 -3.66
CA GLY A 15 7.23 -12.85 -2.79
C GLY A 15 6.03 -12.70 -1.87
N ALA A 16 5.78 -13.71 -1.06
CA ALA A 16 4.68 -13.67 -0.09
C ALA A 16 5.22 -13.93 1.31
N ARG A 17 4.61 -13.29 2.30
CA ARG A 17 5.00 -13.53 3.69
C ARG A 17 3.74 -13.76 4.53
N ALA A 18 3.86 -14.60 5.55
CA ALA A 18 2.78 -14.88 6.45
C ALA A 18 3.25 -14.61 7.88
N ILE A 19 2.45 -13.89 8.64
CA ILE A 19 2.77 -13.64 10.04
C ILE A 19 1.56 -13.94 10.91
N ALA A 20 1.75 -14.85 11.85
CA ALA A 20 0.69 -15.14 12.82
C ALA A 20 1.09 -14.54 14.16
N CYS A 21 0.16 -13.83 14.79
CA CYS A 21 0.43 -13.16 16.05
C CYS A 21 -0.56 -13.51 17.13
N ASP A 22 -0.02 -13.85 18.29
CA ASP A 22 -0.78 -13.90 19.53
C ASP A 22 -0.62 -12.53 20.17
N PHE A 23 -1.69 -11.75 20.10
CA PHE A 23 -1.67 -10.34 20.50
C PHE A 23 -1.86 -10.14 22.01
N ASP A 24 -2.15 -11.22 22.74
CA ASP A 24 -2.17 -11.14 24.19
C ASP A 24 -0.79 -11.42 24.77
N SER A 25 -0.07 -12.34 24.15
CA SER A 25 1.29 -12.66 24.57
C SER A 25 2.30 -11.82 23.82
N ASP A 26 1.83 -11.06 22.84
CA ASP A 26 2.69 -10.25 21.99
C ASP A 26 3.74 -11.08 21.28
N ARG A 27 3.42 -12.34 20.99
CA ARG A 27 4.38 -13.22 20.33
C ARG A 27 3.94 -13.52 18.90
N SER A 28 4.87 -13.95 18.06
CA SER A 28 4.52 -14.17 16.65
C SER A 28 5.44 -15.15 15.93
N VAL A 29 4.98 -15.61 14.77
CA VAL A 29 5.79 -16.44 13.89
C VAL A 29 5.67 -15.93 12.46
N SER A 30 6.79 -15.99 11.74
CA SER A 30 6.85 -15.48 10.37
C SER A 30 7.40 -16.53 9.42
N VAL A 31 6.75 -16.68 8.27
CA VAL A 31 7.25 -17.58 7.22
C VAL A 31 7.12 -16.87 5.89
N SER A 32 7.81 -17.36 4.87
CA SER A 32 7.77 -16.67 3.58
C SER A 32 8.07 -17.57 2.41
N VAL A 33 7.72 -17.10 1.22
CA VAL A 33 8.02 -17.78 -0.03
C VAL A 33 8.46 -16.74 -1.05
N THR A 34 9.32 -17.15 -1.97
CA THR A 34 9.84 -16.23 -2.98
C THR A 34 9.29 -16.60 -4.36
N PHE A 35 8.82 -15.59 -5.09
CA PHE A 35 8.25 -15.82 -6.41
C PHE A 35 9.34 -15.93 -7.46
N PRO A 36 9.06 -16.60 -8.57
CA PRO A 36 9.96 -16.52 -9.72
C PRO A 36 9.84 -15.14 -10.36
N LYS A 37 10.77 -14.79 -11.25
CA LYS A 37 10.71 -13.49 -11.92
C LYS A 37 9.59 -13.49 -12.96
N THR A 38 9.33 -14.65 -13.55
CA THR A 38 8.35 -14.78 -14.61
C THR A 38 7.52 -16.04 -14.42
N SER A 39 6.34 -16.08 -15.02
CA SER A 39 5.52 -17.27 -14.96
C SER A 39 4.58 -17.38 -16.15
N GLN A 40 4.28 -18.62 -16.53
CA GLN A 40 3.25 -18.90 -17.50
C GLN A 40 1.90 -19.03 -16.81
N ASN A 41 1.95 -19.23 -15.49
CA ASN A 41 0.74 -19.46 -14.71
C ASN A 41 0.87 -18.80 -13.33
N TRP A 42 0.79 -17.47 -13.31
CA TRP A 42 0.82 -16.72 -12.06
C TRP A 42 -0.24 -17.11 -11.03
N PRO A 43 -1.50 -17.37 -11.47
CA PRO A 43 -2.46 -17.79 -10.45
C PRO A 43 -2.03 -19.07 -9.72
N GLN A 44 -1.42 -19.99 -10.45
CA GLN A 44 -0.93 -21.22 -9.84
C GLN A 44 0.17 -20.91 -8.85
N VAL A 45 1.09 -20.03 -9.24
CA VAL A 45 2.18 -19.61 -8.36
C VAL A 45 1.65 -19.01 -7.06
N TRP A 46 0.70 -18.08 -7.19
CA TRP A 46 0.13 -17.43 -6.01
C TRP A 46 -0.60 -18.41 -5.11
N ARG A 47 -1.45 -19.25 -5.69
CA ARG A 47 -2.23 -20.20 -4.88
C ARG A 47 -1.33 -21.22 -4.18
N GLU A 48 -0.34 -21.73 -4.92
CA GLU A 48 0.61 -22.67 -4.34
C GLU A 48 1.36 -21.98 -3.20
N ALA A 49 1.71 -20.72 -3.39
CA ALA A 49 2.38 -19.95 -2.35
C ALA A 49 1.53 -19.87 -1.10
N LEU A 50 0.23 -19.64 -1.29
CA LEU A 50 -0.74 -19.61 -0.20
C LEU A 50 -0.66 -20.90 0.62
N TRP A 51 -0.75 -22.04 -0.07
CA TRP A 51 -0.68 -23.31 0.62
C TRP A 51 0.68 -23.56 1.30
N GLN A 52 1.77 -23.15 0.66
CA GLN A 52 3.11 -23.26 1.24
C GLN A 52 3.24 -22.48 2.55
N LEU A 53 2.76 -21.24 2.53
CA LEU A 53 2.77 -20.41 3.72
C LEU A 53 2.01 -21.09 4.84
N LEU A 54 0.80 -21.54 4.54
CA LEU A 54 0.01 -22.21 5.58
C LEU A 54 0.73 -23.45 6.13
N THR A 55 1.33 -24.23 5.24
CA THR A 55 2.01 -25.46 5.62
C THR A 55 3.17 -25.18 6.57
N GLN A 56 3.85 -24.05 6.34
CA GLN A 56 5.06 -23.72 7.10
C GLN A 56 4.77 -23.28 8.52
N ILE A 57 3.57 -22.74 8.75
CA ILE A 57 3.17 -22.35 10.09
C ILE A 57 3.02 -23.60 10.95
N PRO A 58 3.63 -23.59 12.15
CA PRO A 58 3.56 -24.77 13.03
C PRO A 58 2.12 -25.14 13.38
N ALA A 59 1.84 -26.43 13.50
CA ALA A 59 0.47 -26.91 13.70
C ALA A 59 -0.21 -26.31 14.92
N ASP A 60 0.55 -26.10 15.99
CA ASP A 60 -0.03 -25.56 17.22
C ASP A 60 -0.45 -24.11 17.04
N TRP A 61 0.25 -23.37 16.19
CA TRP A 61 -0.17 -22.02 15.86
C TRP A 61 -1.43 -22.06 15.01
N ARG A 62 -1.43 -22.95 14.02
CA ARG A 62 -2.57 -23.08 13.12
C ARG A 62 -3.85 -23.44 13.85
N SER A 63 -3.74 -24.27 14.88
CA SER A 63 -4.93 -24.68 15.63
C SER A 63 -5.53 -23.52 16.42
N ARG A 64 -4.77 -22.44 16.56
CA ARG A 64 -5.16 -21.29 17.37
C ARG A 64 -5.62 -20.07 16.57
N ILE A 65 -5.40 -20.09 15.25
CA ILE A 65 -5.72 -18.92 14.42
C ILE A 65 -7.24 -18.74 14.32
N GLU A 66 -7.72 -17.55 14.64
CA GLU A 66 -9.15 -17.29 14.67
C GLU A 66 -9.62 -16.38 13.53
N ARG A 67 -8.71 -15.55 13.04
CA ARG A 67 -9.02 -14.63 11.95
C ARG A 67 -7.86 -14.57 10.95
N ILE A 68 -8.18 -14.44 9.67
CA ILE A 68 -7.17 -14.36 8.62
C ILE A 68 -7.47 -13.20 7.68
N ALA A 69 -6.44 -12.43 7.30
CA ALA A 69 -6.61 -11.42 6.27
C ALA A 69 -5.46 -11.45 5.27
N ILE A 70 -5.72 -10.95 4.06
CA ILE A 70 -4.73 -10.97 3.00
C ILE A 70 -4.61 -9.61 2.34
N ASP A 71 -3.38 -9.16 2.13
CA ASP A 71 -3.13 -7.99 1.29
C ASP A 71 -2.47 -8.47 -0.01
N GLY A 72 -2.74 -7.76 -1.11
CA GLY A 72 -2.16 -8.08 -2.39
C GLY A 72 -1.71 -6.81 -3.10
N THR A 73 -1.13 -6.96 -4.28
CA THR A 73 -0.61 -5.79 -4.98
C THR A 73 -1.75 -5.08 -5.69
N SER A 74 -1.69 -3.76 -5.69
CA SER A 74 -2.75 -2.90 -6.19
C SER A 74 -2.80 -2.88 -7.71
N GLY A 75 -3.93 -3.32 -8.28
CA GLY A 75 -4.09 -3.26 -9.72
C GLY A 75 -3.65 -4.55 -10.38
N THR A 76 -3.32 -5.53 -9.56
CA THR A 76 -3.10 -6.89 -10.05
C THR A 76 -4.46 -7.57 -10.04
N VAL A 77 -5.00 -7.84 -11.23
CA VAL A 77 -6.36 -8.37 -11.33
C VAL A 77 -6.44 -9.63 -12.19
N LEU A 78 -7.48 -10.42 -11.92
CA LEU A 78 -7.76 -11.69 -12.60
C LEU A 78 -9.19 -11.68 -13.12
N LEU A 79 -9.38 -12.20 -14.33
CA LEU A 79 -10.70 -12.30 -14.92
C LEU A 79 -11.13 -13.76 -14.83
N CYS A 80 -12.18 -14.04 -14.05
CA CYS A 80 -12.52 -15.41 -13.69
C CYS A 80 -13.96 -15.77 -14.04
N ASP A 81 -14.23 -17.07 -14.21
CA ASP A 81 -15.61 -17.52 -14.41
C ASP A 81 -16.33 -17.57 -13.07
N ARG A 82 -17.55 -18.11 -13.09
CA ARG A 82 -18.40 -18.25 -11.91
C ARG A 82 -17.68 -18.91 -10.73
N GLU A 83 -16.83 -19.90 -11.02
CA GLU A 83 -16.18 -20.67 -9.97
C GLU A 83 -14.80 -20.13 -9.60
N GLY A 84 -14.42 -19.01 -10.18
CA GLY A 84 -13.17 -18.37 -9.82
C GLY A 84 -11.95 -18.89 -10.57
N GLN A 85 -12.19 -19.58 -11.68
CA GLN A 85 -11.08 -20.03 -12.52
C GLN A 85 -10.74 -18.95 -13.54
N PRO A 86 -9.45 -18.54 -13.57
CA PRO A 86 -8.97 -17.48 -14.45
C PRO A 86 -9.21 -17.82 -15.92
N GLN A 87 -9.76 -16.88 -16.68
CA GLN A 87 -10.11 -17.11 -18.07
C GLN A 87 -9.01 -16.62 -19.02
N THR A 88 -8.02 -15.96 -18.44
CA THR A 88 -6.90 -15.43 -19.19
C THR A 88 -5.81 -15.05 -18.21
N GLU A 89 -4.63 -14.70 -18.71
CA GLU A 89 -3.55 -14.27 -17.83
C GLU A 89 -3.99 -13.05 -17.04
N PRO A 90 -3.55 -12.96 -15.77
CA PRO A 90 -3.77 -11.76 -14.97
C PRO A 90 -3.10 -10.54 -15.59
N LEU A 91 -3.65 -9.37 -15.31
CA LEU A 91 -2.98 -8.13 -15.66
C LEU A 91 -2.32 -7.59 -14.39
N LEU A 92 -1.00 -7.50 -14.41
CA LEU A 92 -0.23 -7.19 -13.21
C LEU A 92 -0.28 -5.72 -12.84
N TYR A 93 0.04 -5.42 -11.58
CA TYR A 93 -0.05 -4.07 -11.04
C TYR A 93 0.72 -3.05 -11.87
N ASN A 94 1.82 -3.47 -12.48
CA ASN A 94 2.70 -2.55 -13.20
C ASN A 94 2.35 -2.42 -14.68
N GLN A 95 1.53 -3.32 -15.19
CA GLN A 95 1.18 -3.30 -16.60
C GLN A 95 0.12 -2.25 -16.91
N ALA A 96 0.34 -1.50 -17.98
CA ALA A 96 -0.62 -0.48 -18.41
C ALA A 96 -1.39 -0.98 -19.62
N CYS A 97 -2.62 -0.50 -19.77
CA CYS A 97 -3.45 -0.91 -20.89
C CYS A 97 -3.65 0.25 -21.85
N PRO A 98 -3.50 -0.01 -23.16
CA PRO A 98 -3.66 1.01 -24.19
C PRO A 98 -5.14 1.29 -24.50
N ILE A 99 -5.83 1.94 -23.56
CA ILE A 99 -7.23 2.28 -23.76
C ILE A 99 -7.42 3.79 -23.73
N ASP A 100 -8.58 4.23 -24.21
CA ASP A 100 -8.95 5.63 -24.14
C ASP A 100 -9.66 5.90 -22.81
N LEU A 101 -9.03 6.69 -21.94
CA LEU A 101 -9.60 6.97 -20.62
C LEU A 101 -10.94 7.67 -20.73
N ALA A 102 -11.17 8.32 -21.87
CA ALA A 102 -12.46 8.94 -22.15
C ALA A 102 -13.58 7.91 -22.17
N ASP A 103 -13.25 6.66 -22.48
CA ASP A 103 -14.23 5.58 -22.47
C ASP A 103 -14.76 5.31 -21.06
N LEU A 104 -14.06 5.82 -20.05
CA LEU A 104 -14.40 5.56 -18.66
C LEU A 104 -15.15 6.72 -18.01
N ALA A 105 -15.22 7.84 -18.72
CA ALA A 105 -15.68 9.10 -18.14
C ALA A 105 -17.11 9.06 -17.57
N ASP A 106 -17.94 8.18 -18.10
CA ASP A 106 -19.34 8.10 -17.67
C ASP A 106 -19.50 7.29 -16.38
N TRP A 107 -18.43 6.64 -15.96
CA TRP A 107 -18.52 5.62 -14.92
C TRP A 107 -17.95 6.02 -13.56
N VAL A 108 -17.13 7.07 -13.53
CA VAL A 108 -16.55 7.57 -12.29
C VAL A 108 -16.56 9.09 -12.30
N PRO A 109 -16.41 9.72 -11.14
CA PRO A 109 -16.29 11.19 -11.12
C PRO A 109 -15.05 11.67 -11.88
N ALA A 110 -15.01 12.97 -12.17
CA ALA A 110 -13.86 13.56 -12.81
C ALA A 110 -12.64 13.44 -11.91
N ASP A 111 -11.51 13.06 -12.51
CA ASP A 111 -10.24 12.89 -11.79
C ASP A 111 -10.31 11.85 -10.67
N HIS A 112 -11.20 10.87 -10.82
CA HIS A 112 -11.22 9.72 -9.92
C HIS A 112 -9.97 8.89 -10.15
N ALA A 113 -9.42 8.32 -9.07
CA ALA A 113 -8.15 7.59 -9.15
C ALA A 113 -8.17 6.41 -10.13
N ALA A 114 -9.36 5.97 -10.51
CA ALA A 114 -9.49 4.86 -11.47
C ALA A 114 -9.09 5.29 -12.88
N LEU A 115 -9.05 6.60 -13.10
CA LEU A 115 -8.73 7.14 -14.42
C LEU A 115 -7.21 7.12 -14.66
N SER A 116 -6.71 5.92 -14.92
CA SER A 116 -5.28 5.69 -15.10
C SER A 116 -5.11 4.41 -15.89
N SER A 117 -4.18 4.38 -16.84
CA SER A 117 -4.06 3.24 -17.75
C SER A 117 -3.68 1.95 -17.02
N THR A 118 -3.26 2.05 -15.76
CA THR A 118 -2.88 0.88 -14.98
C THR A 118 -3.95 0.44 -13.98
N SER A 119 -5.07 1.16 -13.92
CA SER A 119 -6.09 0.88 -12.91
C SER A 119 -6.86 -0.41 -13.20
N SER A 120 -7.41 -1.00 -12.15
CA SER A 120 -8.27 -2.17 -12.29
C SER A 120 -9.40 -1.92 -13.27
N LEU A 121 -9.96 -0.72 -13.26
CA LEU A 121 -11.05 -0.37 -14.17
C LEU A 121 -10.57 -0.31 -15.62
N ALA A 122 -9.41 0.32 -15.83
CA ALA A 122 -8.81 0.35 -17.15
C ALA A 122 -8.62 -1.07 -17.68
N LYS A 123 -8.19 -1.97 -16.80
CA LYS A 123 -7.90 -3.34 -17.17
C LYS A 123 -9.16 -4.14 -17.48
N LEU A 124 -10.22 -3.91 -16.71
CA LEU A 124 -11.49 -4.56 -16.99
C LEU A 124 -12.03 -4.09 -18.34
N TRP A 125 -11.88 -2.80 -18.63
CA TRP A 125 -12.37 -2.27 -19.90
C TRP A 125 -11.56 -2.82 -21.07
N PHE A 126 -10.25 -2.93 -20.88
CA PHE A 126 -9.36 -3.53 -21.87
C PHE A 126 -9.78 -4.97 -22.14
N TRP A 127 -10.09 -5.70 -21.09
CA TRP A 127 -10.57 -7.08 -21.24
C TRP A 127 -11.91 -7.11 -21.97
N GLN A 128 -12.77 -6.14 -21.71
CA GLN A 128 -14.07 -6.05 -22.39
C GLN A 128 -13.87 -5.87 -23.89
N GLN A 129 -12.97 -4.96 -24.26
CA GLN A 129 -12.71 -4.71 -25.68
C GLN A 129 -12.04 -5.91 -26.34
N GLN A 130 -11.20 -6.62 -25.59
CA GLN A 130 -10.50 -7.77 -26.15
C GLN A 130 -11.42 -8.99 -26.32
N PHE A 131 -12.37 -9.15 -25.41
CA PHE A 131 -13.28 -10.30 -25.46
C PHE A 131 -14.56 -9.98 -26.23
N GLY A 132 -14.84 -8.71 -26.42
CA GLY A 132 -16.04 -8.28 -27.13
C GLY A 132 -17.22 -8.09 -26.19
N ALA A 133 -17.64 -9.18 -25.56
CA ALA A 133 -18.71 -9.11 -24.57
C ALA A 133 -18.43 -10.09 -23.44
N LEU A 134 -18.31 -9.56 -22.23
CA LEU A 134 -18.01 -10.40 -21.08
C LEU A 134 -19.30 -10.98 -20.49
N PRO A 135 -19.31 -12.29 -20.26
CA PRO A 135 -20.45 -12.98 -19.65
C PRO A 135 -20.72 -12.44 -18.25
N PRO A 136 -22.00 -12.22 -17.91
CA PRO A 136 -22.36 -11.60 -16.61
C PRO A 136 -22.01 -12.47 -15.41
N ASP A 137 -21.89 -13.78 -15.61
CA ASP A 137 -21.56 -14.68 -14.51
C ASP A 137 -20.06 -14.65 -14.19
N TRP A 138 -19.28 -14.00 -15.04
CA TRP A 138 -17.85 -13.83 -14.77
C TRP A 138 -17.62 -12.76 -13.71
N GLN A 139 -16.37 -12.63 -13.26
CA GLN A 139 -16.03 -11.68 -12.21
C GLN A 139 -14.60 -11.18 -12.40
N ILE A 140 -14.35 -9.93 -12.00
CA ILE A 140 -12.98 -9.47 -11.91
C ILE A 140 -12.59 -9.41 -10.44
N LEU A 141 -11.44 -9.98 -10.11
CA LEU A 141 -10.99 -10.03 -8.73
C LEU A 141 -9.58 -9.48 -8.61
N ALA A 142 -9.33 -8.63 -7.62
CA ALA A 142 -7.96 -8.24 -7.31
C ALA A 142 -7.21 -9.46 -6.78
N GLN A 143 -5.89 -9.43 -6.81
CA GLN A 143 -5.07 -10.52 -6.26
C GLN A 143 -5.51 -10.93 -4.85
N ALA A 144 -5.64 -9.93 -3.96
CA ALA A 144 -6.08 -10.18 -2.59
C ALA A 144 -7.46 -10.86 -2.54
N ASP A 145 -8.39 -10.37 -3.37
CA ASP A 145 -9.73 -10.94 -3.49
C ASP A 145 -9.68 -12.42 -3.82
N TRP A 146 -8.90 -12.75 -4.85
CA TRP A 146 -8.85 -14.10 -5.40
C TRP A 146 -8.23 -15.07 -4.40
N LEU A 147 -7.17 -14.60 -3.74
CA LEU A 147 -6.55 -15.42 -2.72
C LEU A 147 -7.48 -15.67 -1.53
N SER A 148 -8.19 -14.65 -1.06
CA SER A 148 -9.09 -14.90 0.08
C SER A 148 -10.27 -15.77 -0.35
N LEU A 149 -10.64 -15.68 -1.63
CA LEU A 149 -11.64 -16.56 -2.21
C LEU A 149 -11.20 -18.03 -2.08
N GLN A 150 -9.90 -18.27 -2.24
CA GLN A 150 -9.40 -19.64 -2.01
C GLN A 150 -9.67 -20.13 -0.58
N LEU A 151 -9.92 -19.20 0.35
CA LEU A 151 -10.13 -19.58 1.75
C LEU A 151 -11.60 -19.56 2.20
N HIS A 152 -12.42 -18.65 1.67
CA HIS A 152 -13.79 -18.57 2.15
C HIS A 152 -14.85 -18.94 1.10
N GLY A 153 -14.43 -19.16 -0.13
CA GLY A 153 -15.34 -19.64 -1.17
C GLY A 153 -16.44 -18.69 -1.62
N CYS A 154 -16.44 -17.46 -1.13
CA CYS A 154 -17.44 -16.47 -1.50
C CYS A 154 -17.00 -15.64 -2.71
N SER A 155 -17.69 -15.83 -3.83
CA SER A 155 -17.30 -15.15 -5.07
C SER A 155 -17.66 -13.66 -5.05
N GLN A 156 -17.00 -12.90 -5.92
CA GLN A 156 -17.24 -11.48 -6.14
C GLN A 156 -17.21 -10.66 -4.84
N GLN A 157 -16.17 -10.89 -4.04
CA GLN A 157 -15.97 -10.15 -2.80
C GLN A 157 -14.68 -9.33 -2.84
N SER A 158 -14.77 -8.05 -2.48
CA SER A 158 -13.58 -7.23 -2.37
C SER A 158 -13.68 -6.26 -1.19
N ASP A 159 -12.75 -5.32 -1.12
CA ASP A 159 -12.65 -4.41 0.00
C ASP A 159 -12.53 -3.00 -0.55
N TYR A 160 -12.83 -1.96 0.25
CA TYR A 160 -12.86 -0.62 -0.34
C TYR A 160 -11.50 0.01 -0.57
N HIS A 161 -10.43 -0.72 -0.29
CA HIS A 161 -9.10 -0.28 -0.71
C HIS A 161 -8.79 -0.76 -2.12
N ASN A 162 -8.83 -2.07 -2.32
CA ASN A 162 -8.63 -2.65 -3.64
C ASN A 162 -9.64 -2.16 -4.69
N ALA A 163 -10.87 -1.90 -4.24
CA ALA A 163 -11.95 -1.52 -5.15
C ALA A 163 -11.86 -0.07 -5.66
N LEU A 164 -11.12 0.76 -4.93
CA LEU A 164 -10.98 2.17 -5.32
C LEU A 164 -10.64 2.34 -6.79
N LYS A 165 -9.52 1.78 -7.22
CA LYS A 165 -9.09 1.93 -8.61
C LYS A 165 -9.90 1.07 -9.58
N LEU A 166 -10.83 0.27 -9.06
CA LEU A 166 -11.80 -0.40 -9.90
C LEU A 166 -13.01 0.52 -10.13
N GLY A 167 -13.00 1.68 -9.48
CA GLY A 167 -14.06 2.65 -9.67
C GLY A 167 -14.97 2.88 -8.47
N TYR A 168 -14.66 2.26 -7.35
CA TYR A 168 -15.46 2.46 -6.13
C TYR A 168 -15.25 3.87 -5.61
N SER A 169 -16.30 4.47 -5.05
CA SER A 169 -16.15 5.77 -4.40
C SER A 169 -16.36 5.60 -2.90
N PRO A 170 -15.25 5.47 -2.16
CA PRO A 170 -15.35 5.22 -0.72
C PRO A 170 -16.05 6.36 0.02
N ASP A 171 -15.98 7.57 -0.51
CA ASP A 171 -16.64 8.70 0.15
C ASP A 171 -18.16 8.52 0.16
N ARG A 172 -18.71 7.91 -0.88
CA ARG A 172 -20.14 7.66 -0.93
C ARG A 172 -20.44 6.16 -0.78
N GLU A 173 -19.39 5.38 -0.51
CA GLU A 173 -19.47 3.93 -0.32
C GLU A 173 -20.38 3.25 -1.34
N ARG A 174 -20.03 3.41 -2.61
CA ARG A 174 -20.75 2.79 -3.72
C ARG A 174 -19.96 2.90 -5.01
N PHE A 175 -20.24 1.98 -5.94
CA PHE A 175 -19.93 2.20 -7.36
C PHE A 175 -21.00 3.11 -7.91
N SER A 176 -20.68 3.93 -8.91
CA SER A 176 -21.69 4.78 -9.53
C SER A 176 -22.78 3.91 -10.14
N LYS A 177 -24.02 4.38 -10.11
CA LYS A 177 -25.11 3.61 -10.70
C LYS A 177 -24.85 3.41 -12.19
N ASN A 178 -24.21 4.39 -12.83
CA ASN A 178 -23.88 4.30 -14.23
C ASN A 178 -23.00 3.10 -14.53
N LEU A 179 -22.11 2.78 -13.61
CA LEU A 179 -21.17 1.68 -13.80
C LEU A 179 -21.85 0.36 -13.50
N LEU A 180 -22.63 0.33 -12.42
CA LEU A 180 -23.35 -0.88 -12.00
C LEU A 180 -24.33 -1.33 -13.08
N ASP A 181 -24.91 -0.37 -13.79
CA ASP A 181 -25.90 -0.65 -14.83
C ASP A 181 -25.26 -0.88 -16.20
N SER A 182 -23.94 -0.81 -16.26
CA SER A 182 -23.25 -0.94 -17.54
C SER A 182 -22.97 -2.39 -17.87
N GLU A 183 -22.36 -2.61 -19.03
CA GLU A 183 -21.94 -3.93 -19.48
C GLU A 183 -20.96 -4.60 -18.50
N LEU A 184 -20.30 -3.78 -17.68
CA LEU A 184 -19.30 -4.28 -16.74
C LEU A 184 -19.87 -4.55 -15.34
N GLY A 185 -21.06 -4.02 -15.06
CA GLY A 185 -21.64 -4.08 -13.74
C GLY A 185 -21.70 -5.45 -13.09
N ALA A 186 -22.09 -6.45 -13.87
CA ALA A 186 -22.25 -7.80 -13.34
C ALA A 186 -20.94 -8.44 -12.89
N LEU A 187 -19.81 -7.88 -13.33
CA LEU A 187 -18.53 -8.47 -12.97
C LEU A 187 -17.91 -7.86 -11.72
N LEU A 188 -18.51 -6.76 -11.25
CA LEU A 188 -17.97 -6.02 -10.11
C LEU A 188 -18.18 -6.77 -8.79
N PRO A 189 -17.28 -6.57 -7.82
CA PRO A 189 -17.42 -7.22 -6.51
C PRO A 189 -18.33 -6.47 -5.56
N VAL A 190 -18.91 -7.19 -4.61
CA VAL A 190 -19.51 -6.56 -3.44
C VAL A 190 -18.38 -6.09 -2.55
N VAL A 191 -18.45 -4.84 -2.10
CA VAL A 191 -17.32 -4.22 -1.42
C VAL A 191 -17.55 -4.03 0.08
N HIS A 192 -16.62 -4.55 0.87
CA HIS A 192 -16.69 -4.43 2.33
C HIS A 192 -15.57 -3.59 2.91
N GLU A 193 -15.68 -3.25 4.18
CA GLU A 193 -14.58 -2.59 4.88
C GLU A 193 -13.47 -3.59 5.17
N PRO A 194 -12.22 -3.24 4.85
CA PRO A 194 -11.09 -4.12 5.19
C PRO A 194 -11.17 -4.55 6.65
N GLY A 195 -10.94 -5.84 6.91
CA GLY A 195 -10.96 -6.33 8.27
C GLY A 195 -12.27 -6.94 8.75
N VAL A 196 -13.38 -6.66 8.06
CA VAL A 196 -14.64 -7.28 8.48
C VAL A 196 -14.68 -8.72 8.01
N ALA A 197 -15.33 -9.58 8.80
CA ALA A 197 -15.45 -10.99 8.44
C ALA A 197 -16.33 -11.12 7.20
N ILE A 198 -15.82 -11.80 6.19
CA ILE A 198 -16.58 -12.14 5.00
C ILE A 198 -17.33 -13.45 5.21
N GLY A 199 -16.64 -14.43 5.78
CA GLY A 199 -17.25 -15.73 6.03
C GLY A 199 -16.28 -16.66 6.72
N PRO A 200 -16.81 -17.77 7.25
CA PRO A 200 -15.92 -18.76 7.85
C PRO A 200 -15.02 -19.42 6.80
N ILE A 201 -13.86 -19.87 7.25
CA ILE A 201 -12.98 -20.69 6.43
C ILE A 201 -13.73 -21.88 5.83
N LEU A 202 -13.36 -22.28 4.61
CA LEU A 202 -13.98 -23.45 4.00
C LEU A 202 -13.66 -24.69 4.82
N PRO A 203 -14.66 -25.54 5.08
CA PRO A 203 -14.49 -26.72 5.93
C PRO A 203 -13.31 -27.60 5.50
N ALA A 204 -13.23 -27.89 4.21
CA ALA A 204 -12.18 -28.77 3.69
C ALA A 204 -10.78 -28.15 3.84
N ILE A 205 -10.69 -26.83 3.67
CA ILE A 205 -9.40 -26.14 3.84
C ILE A 205 -8.99 -26.21 5.30
N ALA A 206 -9.96 -25.97 6.18
CA ALA A 206 -9.74 -26.03 7.62
C ALA A 206 -9.20 -27.39 8.02
N GLN A 207 -9.84 -28.45 7.54
CA GLN A 207 -9.39 -29.77 7.93
C GLN A 207 -8.03 -30.10 7.32
N GLU A 208 -7.85 -29.79 6.04
CA GLU A 208 -6.57 -30.10 5.39
C GLU A 208 -5.40 -29.47 6.13
N PHE A 209 -5.56 -28.22 6.57
CA PHE A 209 -4.42 -27.49 7.14
C PHE A 209 -4.41 -27.40 8.66
N GLY A 210 -5.32 -28.10 9.32
CA GLY A 210 -5.33 -28.11 10.78
C GLY A 210 -5.78 -26.79 11.40
N LEU A 211 -6.62 -26.07 10.68
CA LEU A 211 -7.16 -24.82 11.20
C LEU A 211 -8.53 -25.08 11.83
N SER A 212 -8.93 -24.20 12.75
CA SER A 212 -10.27 -24.26 13.33
C SER A 212 -11.31 -24.03 12.24
N PRO A 213 -12.34 -24.89 12.19
CA PRO A 213 -13.38 -24.67 11.19
C PRO A 213 -14.23 -23.43 11.49
N ASP A 214 -14.01 -22.80 12.64
CA ASP A 214 -14.69 -21.55 12.98
C ASP A 214 -13.80 -20.34 12.69
N CYS A 215 -12.64 -20.59 12.10
CA CYS A 215 -11.75 -19.48 11.71
C CYS A 215 -12.46 -18.60 10.69
N GLN A 216 -12.37 -17.29 10.89
CA GLN A 216 -13.04 -16.32 10.01
C GLN A 216 -12.06 -15.73 9.00
N ILE A 217 -12.52 -15.57 7.76
CA ILE A 217 -11.71 -14.93 6.73
C ILE A 217 -12.22 -13.51 6.52
N CYS A 218 -11.33 -12.53 6.68
CA CYS A 218 -11.73 -11.12 6.61
C CYS A 218 -11.47 -10.48 5.25
N ALA A 219 -12.15 -9.36 5.01
CA ALA A 219 -11.90 -8.53 3.83
C ALA A 219 -10.48 -7.99 3.91
N GLY A 220 -9.77 -8.00 2.78
CA GLY A 220 -8.36 -7.67 2.77
C GLY A 220 -8.03 -6.22 2.43
N THR A 221 -6.82 -5.98 1.92
CA THR A 221 -6.36 -4.62 1.62
C THR A 221 -5.18 -4.69 0.63
N THR A 222 -4.50 -3.57 0.40
CA THR A 222 -3.34 -3.57 -0.50
C THR A 222 -2.06 -3.62 0.32
N ASP A 223 -0.96 -4.05 -0.30
CA ASP A 223 0.31 -4.17 0.44
C ASP A 223 0.81 -2.82 0.98
N SER A 224 0.54 -1.75 0.23
CA SER A 224 0.95 -0.40 0.64
C SER A 224 0.24 0.06 1.93
N ILE A 225 -1.07 -0.12 1.93
CA ILE A 225 -1.88 0.18 3.10
C ILE A 225 -1.50 -0.73 4.27
N ALA A 226 -1.29 -2.01 4.00
CA ALA A 226 -0.86 -2.95 5.03
C ALA A 226 0.43 -2.49 5.72
N ALA A 227 1.37 -2.01 4.90
CA ALA A 227 2.60 -1.44 5.43
C ALA A 227 2.28 -0.26 6.35
N PHE A 228 1.37 0.63 5.94
CA PHE A 228 0.99 1.69 6.89
C PHE A 228 0.35 1.12 8.18
N LEU A 229 -0.47 0.09 8.06
CA LEU A 229 -1.14 -0.48 9.22
C LEU A 229 -0.14 -1.09 10.20
N ALA A 230 1.01 -1.52 9.69
CA ALA A 230 2.05 -2.12 10.53
C ALA A 230 2.59 -1.14 11.58
N SER A 231 2.62 0.14 11.24
CA SER A 231 3.17 1.17 12.14
C SER A 231 2.34 1.36 13.41
N GLY A 232 1.04 1.06 13.31
CA GLY A 232 0.12 1.24 14.43
C GLY A 232 -0.45 2.64 14.55
N ALA A 233 -0.01 3.56 13.68
CA ALA A 233 -0.45 4.95 13.73
C ALA A 233 -1.94 5.04 13.43
N HIS A 234 -2.66 5.83 14.23
CA HIS A 234 -4.10 5.92 14.05
C HIS A 234 -4.71 7.28 14.43
N GLN A 235 -3.86 8.27 14.71
CA GLN A 235 -4.34 9.63 14.92
C GLN A 235 -4.17 10.46 13.66
N PRO A 236 -5.22 11.21 13.26
CA PRO A 236 -5.07 12.15 12.15
C PRO A 236 -3.86 13.05 12.37
N GLY A 237 -3.06 13.25 11.33
CA GLY A 237 -1.84 14.01 11.45
C GLY A 237 -0.61 13.14 11.60
N GLU A 238 -0.80 11.86 11.94
CA GLU A 238 0.32 10.94 11.97
C GLU A 238 0.66 10.47 10.56
N ALA A 239 1.96 10.30 10.30
CA ALA A 239 2.43 9.90 8.98
C ALA A 239 3.49 8.81 9.05
N VAL A 240 3.58 8.05 7.96
CA VAL A 240 4.69 7.14 7.75
C VAL A 240 5.43 7.54 6.48
N THR A 241 6.72 7.82 6.66
CA THR A 241 7.60 8.12 5.55
C THR A 241 8.43 6.89 5.23
N SER A 242 8.36 6.44 3.98
CA SER A 242 9.21 5.36 3.51
C SER A 242 10.38 5.91 2.72
N LEU A 243 11.57 5.81 3.31
CA LEU A 243 12.80 6.25 2.69
C LEU A 243 13.45 5.09 1.95
N GLY A 244 12.83 4.68 0.85
CA GLY A 244 13.30 3.53 0.09
C GLY A 244 14.00 3.99 -1.17
N SER A 245 13.92 3.18 -2.21
CA SER A 245 14.46 3.53 -3.52
C SER A 245 13.85 4.85 -3.98
N THR A 246 12.56 5.01 -3.72
CA THR A 246 11.87 6.28 -3.85
C THR A 246 11.33 6.67 -2.49
N ILE A 247 11.07 7.96 -2.30
CA ILE A 247 10.46 8.46 -1.07
C ILE A 247 8.95 8.39 -1.20
N VAL A 248 8.32 7.66 -0.29
CA VAL A 248 6.86 7.51 -0.32
C VAL A 248 6.26 8.03 0.98
N LEU A 249 5.33 8.98 0.87
CA LEU A 249 4.70 9.58 2.04
C LEU A 249 3.27 9.08 2.23
N LYS A 250 2.92 8.76 3.47
CA LYS A 250 1.54 8.40 3.79
C LYS A 250 1.08 9.16 5.03
N LEU A 251 -0.02 9.91 4.90
CA LEU A 251 -0.48 10.82 5.93
C LEU A 251 -1.94 10.56 6.31
N LEU A 252 -2.17 10.29 7.58
CA LEU A 252 -3.52 10.05 8.09
C LEU A 252 -4.23 11.39 8.32
N SER A 253 -5.44 11.52 7.80
CA SER A 253 -6.15 12.79 7.70
C SER A 253 -7.64 12.66 8.05
N GLN A 254 -8.25 13.72 8.57
CA GLN A 254 -9.68 13.69 8.84
C GLN A 254 -10.47 13.93 7.54
N VAL A 255 -9.80 14.44 6.52
CA VAL A 255 -10.48 14.69 5.27
C VAL A 255 -9.70 14.17 4.07
N ALA A 256 -10.44 13.82 3.02
CA ALA A 256 -9.86 13.31 1.80
C ALA A 256 -9.26 14.44 0.99
N VAL A 257 -8.11 14.19 0.38
CA VAL A 257 -7.52 15.14 -0.54
C VAL A 257 -7.14 14.42 -1.83
N SER A 258 -7.06 15.17 -2.91
CA SER A 258 -6.63 14.62 -4.19
C SER A 258 -6.02 15.69 -5.08
N ASP A 259 -5.13 15.26 -5.98
CA ASP A 259 -4.55 16.11 -7.00
C ASP A 259 -4.00 15.22 -8.10
N ARG A 260 -4.78 15.04 -9.16
CA ARG A 260 -4.48 14.05 -10.18
C ARG A 260 -3.15 14.35 -10.88
N LEU A 261 -2.84 15.64 -11.01
CA LEU A 261 -1.60 16.07 -11.65
C LEU A 261 -0.36 15.46 -10.98
N THR A 262 -0.37 15.38 -9.65
CA THR A 262 0.78 14.83 -8.92
C THR A 262 0.52 13.44 -8.36
N GLY A 263 -0.56 12.80 -8.83
CA GLY A 263 -0.89 11.44 -8.42
C GLY A 263 -1.38 11.29 -6.99
N VAL A 264 -1.79 12.40 -6.38
CA VAL A 264 -2.25 12.35 -5.01
C VAL A 264 -3.71 11.94 -4.95
N TYR A 265 -4.00 10.91 -4.16
CA TYR A 265 -5.39 10.54 -3.88
C TYR A 265 -5.47 10.02 -2.45
N SER A 266 -6.68 9.71 -2.00
CA SER A 266 -6.88 9.26 -0.63
C SER A 266 -7.65 7.94 -0.58
N HIS A 267 -7.22 7.03 0.29
CA HIS A 267 -8.01 5.84 0.62
C HIS A 267 -8.87 6.10 1.84
N LYS A 268 -10.07 5.53 1.89
CA LYS A 268 -10.83 5.55 3.12
C LYS A 268 -10.11 4.68 4.15
N LEU A 269 -10.12 5.09 5.40
CA LEU A 269 -9.55 4.25 6.46
C LEU A 269 -10.40 4.42 7.73
N GLY A 270 -11.41 3.58 7.87
CA GLY A 270 -12.39 3.73 8.95
C GLY A 270 -13.15 5.04 8.83
N GLY A 271 -13.11 5.84 9.90
CA GLY A 271 -13.70 7.17 9.87
C GLY A 271 -12.72 8.24 9.41
N TYR A 272 -11.51 7.82 9.04
CA TYR A 272 -10.51 8.76 8.53
C TYR A 272 -10.16 8.50 7.06
N TRP A 273 -9.09 9.14 6.61
CA TRP A 273 -8.59 9.02 5.24
C TRP A 273 -7.08 8.92 5.24
N LEU A 274 -6.53 8.06 4.40
CA LEU A 274 -5.09 7.95 4.24
C LEU A 274 -4.68 8.54 2.90
N THR A 275 -3.98 9.67 2.93
CA THR A 275 -3.54 10.25 1.68
C THR A 275 -2.04 10.08 1.57
N GLY A 276 -1.47 10.50 0.46
CA GLY A 276 -0.02 10.40 0.35
C GLY A 276 0.48 10.73 -1.02
N GLY A 277 1.77 10.52 -1.24
CA GLY A 277 2.34 10.79 -2.53
C GLY A 277 3.69 10.14 -2.68
N ALA A 278 4.13 9.98 -3.93
CA ALA A 278 5.38 9.29 -4.20
C ALA A 278 6.27 10.12 -5.12
N SER A 279 7.44 10.49 -4.61
CA SER A 279 8.42 11.23 -5.40
C SER A 279 9.25 10.28 -6.24
N ASN A 280 9.84 10.79 -7.31
CA ASN A 280 10.79 9.98 -8.07
C ASN A 280 12.17 10.04 -7.41
N CYS A 281 12.37 11.04 -6.54
CA CYS A 281 13.59 11.10 -5.74
C CYS A 281 13.60 10.05 -4.64
N GLY A 282 14.79 9.66 -4.20
CA GLY A 282 14.93 8.74 -3.08
C GLY A 282 16.29 8.07 -3.03
N GLY A 283 16.33 6.91 -2.37
CA GLY A 283 17.57 6.20 -2.14
C GLY A 283 18.29 5.71 -3.39
N ALA A 284 17.55 5.51 -4.48
CA ALA A 284 18.16 5.06 -5.73
C ALA A 284 19.21 6.07 -6.20
N THR A 285 18.89 7.35 -6.05
CA THR A 285 19.83 8.41 -6.37
C THR A 285 21.09 8.29 -5.52
N LEU A 286 20.92 8.06 -4.23
CA LEU A 286 22.06 7.84 -3.33
C LEU A 286 22.90 6.65 -3.80
N ARG A 287 22.24 5.58 -4.19
CA ARG A 287 22.91 4.34 -4.59
C ARG A 287 23.66 4.52 -5.89
N GLN A 288 23.23 5.48 -6.71
CA GLN A 288 23.97 5.81 -7.92
C GLN A 288 25.40 6.25 -7.60
N PHE A 289 25.59 6.80 -6.40
CA PHE A 289 26.89 7.36 -6.03
C PHE A 289 27.60 6.61 -4.89
N PHE A 290 26.82 6.04 -3.97
CA PHE A 290 27.40 5.39 -2.79
C PHE A 290 26.75 4.05 -2.46
N PRO A 291 27.56 3.03 -2.14
CA PRO A 291 27.03 1.80 -1.55
C PRO A 291 26.58 2.06 -0.10
N ASP A 292 25.76 1.18 0.47
CA ASP A 292 25.21 1.38 1.81
C ASP A 292 26.30 1.61 2.88
N THR A 293 27.40 0.88 2.78
CA THR A 293 28.48 0.98 3.77
C THR A 293 29.09 2.37 3.73
N GLU A 294 29.19 2.91 2.53
CA GLU A 294 29.74 4.24 2.34
C GLU A 294 28.74 5.28 2.84
N LEU A 295 27.45 5.03 2.61
CA LEU A 295 26.42 5.92 3.14
C LEU A 295 26.56 6.04 4.66
N GLU A 296 26.79 4.92 5.32
CA GLU A 296 27.01 4.93 6.77
C GLU A 296 28.26 5.72 7.16
N SER A 297 29.40 5.26 6.65
CA SER A 297 30.70 5.83 7.02
C SER A 297 30.81 7.32 6.72
N LEU A 298 30.11 7.78 5.69
CA LEU A 298 30.12 9.21 5.37
C LEU A 298 29.09 9.97 6.20
N SER A 299 27.93 9.36 6.43
CA SER A 299 26.86 10.01 7.17
C SER A 299 27.33 10.40 8.55
N CYS A 300 28.11 9.54 9.20
CA CYS A 300 28.51 9.89 10.57
C CYS A 300 29.57 11.00 10.64
N GLN A 301 29.99 11.52 9.49
CA GLN A 301 30.89 12.68 9.46
C GLN A 301 30.14 13.98 9.19
N ILE A 302 28.82 13.89 8.99
CA ILE A 302 27.99 15.06 8.70
C ILE A 302 27.47 15.72 9.97
N ASP A 303 27.66 17.03 10.08
CA ASP A 303 27.04 17.81 11.15
C ASP A 303 25.81 18.54 10.58
N PRO A 304 24.60 18.04 10.90
CA PRO A 304 23.34 18.52 10.33
C PRO A 304 22.95 19.92 10.82
N THR A 305 23.63 20.42 11.84
CA THR A 305 23.33 21.74 12.38
C THR A 305 23.93 22.88 11.54
N LYS A 306 24.69 22.52 10.52
CA LYS A 306 25.29 23.52 9.63
C LYS A 306 25.01 23.18 8.17
N LYS A 307 24.32 24.09 7.48
CA LYS A 307 23.93 23.87 6.09
C LYS A 307 25.14 23.65 5.19
N SER A 308 24.97 22.83 4.16
CA SER A 308 26.07 22.50 3.24
C SER A 308 26.33 23.63 2.26
N GLY A 309 25.32 24.44 1.99
CA GLY A 309 25.43 25.49 0.99
C GLY A 309 25.02 24.98 -0.37
N LEU A 310 24.74 23.67 -0.46
CA LEU A 310 24.35 23.07 -1.73
C LEU A 310 22.83 22.97 -1.84
N ASP A 311 22.31 23.18 -3.05
CA ASP A 311 20.86 23.20 -3.28
C ASP A 311 20.46 22.17 -4.34
N TYR A 312 20.43 20.90 -3.95
CA TYR A 312 20.19 19.82 -4.90
C TYR A 312 18.74 19.43 -5.04
N TYR A 313 18.36 18.97 -6.22
CA TYR A 313 17.12 18.22 -6.38
C TYR A 313 17.46 16.83 -6.88
N PRO A 314 17.48 15.85 -5.96
CA PRO A 314 18.07 14.52 -6.13
C PRO A 314 17.24 13.50 -6.93
N LEU A 315 16.85 13.86 -8.15
CA LEU A 315 16.20 12.90 -9.06
C LEU A 315 17.24 11.91 -9.59
N PRO A 316 16.83 10.65 -9.78
CA PRO A 316 17.71 9.62 -10.37
C PRO A 316 17.81 9.74 -11.88
N SER A 317 16.87 10.49 -12.46
CA SER A 317 16.76 10.68 -13.89
C SER A 317 15.72 11.76 -14.13
N ARG A 318 15.47 12.08 -15.40
CA ARG A 318 14.58 13.17 -15.75
C ARG A 318 13.13 12.92 -15.31
N GLY A 319 12.47 13.96 -14.80
CA GLY A 319 11.05 13.89 -14.53
C GLY A 319 10.67 13.71 -13.07
N GLU A 320 9.84 14.61 -12.56
CA GLU A 320 9.34 14.51 -11.19
C GLU A 320 7.82 14.41 -11.19
N ARG A 321 7.30 13.67 -10.22
CA ARG A 321 5.87 13.37 -10.11
C ARG A 321 5.24 14.15 -8.95
N PHE A 322 5.97 14.16 -7.83
CA PHE A 322 5.45 14.67 -6.56
C PHE A 322 6.65 15.09 -5.72
N PRO A 323 6.53 16.16 -4.91
CA PRO A 323 5.37 16.99 -4.58
C PRO A 323 4.85 17.88 -5.71
N ILE A 324 5.72 18.32 -6.61
CA ILE A 324 5.30 19.11 -7.76
C ILE A 324 5.60 18.36 -9.06
N ALA A 325 4.61 18.26 -9.94
CA ALA A 325 4.76 17.53 -11.19
C ALA A 325 5.47 18.33 -12.29
N ASP A 326 6.51 17.73 -12.87
CA ASP A 326 7.23 18.30 -14.00
C ASP A 326 8.01 17.19 -14.70
N PRO A 327 7.46 16.67 -15.81
CA PRO A 327 8.03 15.55 -16.54
C PRO A 327 9.37 15.89 -17.18
N ASP A 328 9.69 17.18 -17.23
CA ASP A 328 10.93 17.65 -17.85
C ASP A 328 11.97 18.04 -16.81
N ARG A 329 11.64 17.91 -15.53
CA ARG A 329 12.56 18.38 -14.50
C ARG A 329 13.86 17.59 -14.49
N LEU A 330 14.97 18.32 -14.49
CA LEU A 330 16.30 17.73 -14.48
C LEU A 330 16.79 17.50 -13.06
N PRO A 331 17.47 16.36 -12.85
CA PRO A 331 18.21 16.18 -11.60
C PRO A 331 19.11 17.39 -11.39
N GLN A 332 19.17 17.91 -10.18
CA GLN A 332 20.00 19.07 -9.89
C GLN A 332 21.07 18.64 -8.91
N LEU A 333 22.25 18.32 -9.44
CA LEU A 333 23.31 17.68 -8.65
C LEU A 333 24.64 18.43 -8.74
N GLU A 334 24.57 19.70 -9.15
CA GLU A 334 25.75 20.56 -9.19
C GLU A 334 25.64 21.78 -8.27
N PRO A 335 26.79 22.34 -7.86
CA PRO A 335 28.15 21.82 -8.08
C PRO A 335 28.43 20.62 -7.20
N ARG A 336 29.29 19.69 -7.65
CA ARG A 336 29.65 18.57 -6.81
C ARG A 336 31.00 18.81 -6.15
N PRO A 337 31.00 19.02 -4.83
CA PRO A 337 32.24 19.38 -4.15
C PRO A 337 33.21 18.21 -4.08
N GLU A 338 34.47 18.49 -3.82
CA GLU A 338 35.51 17.46 -3.76
C GLU A 338 35.26 16.46 -2.64
N ASN A 339 34.83 16.97 -1.49
CA ASN A 339 34.57 16.14 -0.32
C ASN A 339 33.27 15.36 -0.45
N PRO A 340 33.37 14.01 -0.45
CA PRO A 340 32.18 13.18 -0.61
C PRO A 340 31.21 13.35 0.56
N VAL A 341 31.73 13.74 1.71
CA VAL A 341 30.89 13.99 2.89
C VAL A 341 29.94 15.14 2.62
N GLN A 342 30.48 16.23 2.06
CA GLN A 342 29.65 17.39 1.77
C GLN A 342 28.66 17.09 0.64
N PHE A 343 29.10 16.31 -0.34
CA PHE A 343 28.23 15.92 -1.46
C PHE A 343 27.04 15.14 -0.91
N LEU A 344 27.33 14.16 -0.05
CA LEU A 344 26.28 13.35 0.56
C LEU A 344 25.35 14.25 1.38
N GLN A 345 25.91 15.22 2.11
CA GLN A 345 25.05 16.11 2.87
C GLN A 345 24.11 16.91 1.96
N GLY A 346 24.63 17.39 0.83
CA GLY A 346 23.80 18.06 -0.14
C GLY A 346 22.65 17.18 -0.60
N LEU A 347 22.97 15.92 -0.90
CA LEU A 347 21.94 14.96 -1.31
C LEU A 347 20.86 14.76 -0.22
N LEU A 348 21.30 14.52 1.01
CA LEU A 348 20.37 14.31 2.11
C LEU A 348 19.51 15.54 2.35
N GLU A 349 20.09 16.72 2.19
CA GLU A 349 19.34 17.96 2.31
C GLU A 349 18.28 18.08 1.20
N GLY A 350 18.65 17.69 -0.01
CA GLY A 350 17.69 17.70 -1.12
C GLY A 350 16.51 16.76 -0.86
N LEU A 351 16.83 15.53 -0.48
CA LEU A 351 15.82 14.53 -0.16
C LEU A 351 14.91 15.03 0.99
N THR A 352 15.54 15.71 1.96
CA THR A 352 14.80 16.27 3.08
C THR A 352 13.80 17.30 2.58
N GLN A 353 14.22 18.12 1.62
CA GLN A 353 13.32 19.10 1.03
C GLN A 353 12.16 18.42 0.31
N VAL A 354 12.42 17.31 -0.37
CA VAL A 354 11.34 16.56 -1.01
C VAL A 354 10.28 16.12 0.02
N GLU A 355 10.74 15.55 1.14
CA GLU A 355 9.79 15.11 2.17
C GLU A 355 9.03 16.30 2.82
N THR A 356 9.77 17.36 3.13
CA THR A 356 9.21 18.55 3.76
C THR A 356 8.12 19.16 2.89
N LEU A 357 8.49 19.48 1.65
CA LEU A 357 7.56 20.05 0.69
C LEU A 357 6.41 19.10 0.43
N GLY A 358 6.66 17.80 0.50
CA GLY A 358 5.62 16.80 0.31
C GLY A 358 4.52 16.88 1.34
N TYR A 359 4.88 16.79 2.62
CA TYR A 359 3.88 16.88 3.68
C TYR A 359 3.20 18.26 3.72
N GLN A 360 3.99 19.30 3.52
CA GLN A 360 3.40 20.64 3.54
C GLN A 360 2.39 20.77 2.39
N ARG A 361 2.71 20.13 1.26
CA ARG A 361 1.84 20.12 0.10
C ARG A 361 0.53 19.39 0.38
N LEU A 362 0.63 18.22 1.02
CA LEU A 362 -0.57 17.47 1.37
C LEU A 362 -1.47 18.32 2.25
N GLN A 363 -0.88 19.02 3.21
CA GLN A 363 -1.64 19.92 4.06
C GLN A 363 -2.32 21.03 3.26
N ASP A 364 -1.57 21.62 2.33
CA ASP A 364 -2.09 22.70 1.50
C ASP A 364 -3.24 22.23 0.59
N LEU A 365 -3.34 20.92 0.38
CA LEU A 365 -4.46 20.36 -0.39
C LEU A 365 -5.66 20.11 0.52
N GLY A 366 -5.45 20.24 1.82
CA GLY A 366 -6.53 20.12 2.77
C GLY A 366 -6.35 19.07 3.85
N ALA A 367 -5.26 18.31 3.78
CA ALA A 367 -5.05 17.24 4.76
C ALA A 367 -4.80 17.79 6.16
N THR A 368 -5.11 16.99 7.17
CA THR A 368 -4.81 17.34 8.56
C THR A 368 -3.32 17.70 8.71
N PRO A 369 -3.03 18.81 9.38
CA PRO A 369 -1.63 19.19 9.57
C PRO A 369 -0.82 18.09 10.27
N LEU A 370 0.40 17.91 9.79
CA LEU A 370 1.31 16.88 10.28
C LEU A 370 1.56 16.99 11.78
N LYS A 371 1.46 15.88 12.49
CA LYS A 371 1.73 15.83 13.93
C LYS A 371 3.07 15.17 14.25
N ARG A 372 3.33 14.04 13.59
CA ARG A 372 4.57 13.31 13.81
C ARG A 372 4.77 12.30 12.68
N ILE A 373 6.01 11.85 12.53
CA ILE A 373 6.39 10.95 11.45
C ILE A 373 7.02 9.67 11.99
N TRP A 374 6.54 8.54 11.50
CA TRP A 374 7.21 7.25 11.69
C TRP A 374 7.94 6.91 10.40
N THR A 375 9.18 6.45 10.50
CA THR A 375 9.99 6.25 9.30
C THR A 375 10.27 4.76 9.02
N ALA A 376 10.11 4.39 7.75
CA ALA A 376 10.39 3.04 7.27
C ALA A 376 11.36 3.10 6.11
N GLY A 377 11.80 1.94 5.65
CA GLY A 377 12.67 1.86 4.48
C GLY A 377 14.16 1.91 4.81
N GLY A 378 14.98 1.77 3.78
CA GLY A 378 16.42 1.70 3.93
C GLY A 378 17.06 2.91 4.59
N GLY A 379 16.43 4.07 4.48
CA GLY A 379 16.99 5.29 5.03
C GLY A 379 16.58 5.61 6.47
N ALA A 380 15.67 4.79 7.03
CA ALA A 380 15.06 5.09 8.33
C ALA A 380 16.07 5.17 9.46
N LYS A 381 17.08 4.31 9.43
CA LYS A 381 18.07 4.25 10.51
C LYS A 381 19.18 5.30 10.38
N ASN A 382 19.11 6.13 9.35
CA ASN A 382 20.08 7.21 9.18
C ASN A 382 19.71 8.40 10.06
N ALA A 383 20.35 8.48 11.23
CA ALA A 383 19.97 9.48 12.22
C ALA A 383 20.36 10.90 11.83
N VAL A 384 21.39 11.04 11.00
CA VAL A 384 21.79 12.36 10.51
C VAL A 384 20.71 12.91 9.58
N TRP A 385 20.29 12.06 8.65
CA TRP A 385 19.15 12.36 7.79
C TRP A 385 17.90 12.65 8.65
N GLN A 386 17.70 11.85 9.69
CA GLN A 386 16.55 12.04 10.58
C GLN A 386 16.59 13.42 11.23
N GLN A 387 17.77 13.86 11.64
CA GLN A 387 17.96 15.20 12.18
C GLN A 387 17.64 16.27 11.16
N LEU A 388 18.13 16.12 9.94
CA LEU A 388 17.84 17.12 8.91
C LEU A 388 16.33 17.23 8.68
N ARG A 389 15.67 16.08 8.63
CA ARG A 389 14.23 16.00 8.42
C ARG A 389 13.45 16.62 9.58
N GLN A 390 13.86 16.32 10.80
CA GLN A 390 13.23 16.86 11.99
C GLN A 390 13.39 18.38 12.02
N GLN A 391 14.58 18.86 11.68
CA GLN A 391 14.85 20.30 11.67
C GLN A 391 14.00 21.02 10.63
N ALA A 392 13.87 20.42 9.45
CA ALA A 392 13.17 21.07 8.36
C ALA A 392 11.64 21.04 8.53
N ILE A 393 11.13 19.93 9.09
CA ILE A 393 9.69 19.71 9.17
C ILE A 393 9.08 20.20 10.49
N GLY A 394 9.80 20.03 11.58
CA GLY A 394 9.40 20.62 12.84
C GLY A 394 8.41 19.79 13.64
N VAL A 395 8.42 18.48 13.43
CA VAL A 395 7.60 17.56 14.21
C VAL A 395 8.48 16.39 14.66
N PRO A 396 8.03 15.64 15.69
CA PRO A 396 8.82 14.48 16.12
C PRO A 396 8.93 13.40 15.05
N ILE A 397 10.13 12.86 14.89
CA ILE A 397 10.36 11.80 13.92
C ILE A 397 11.02 10.62 14.62
N ALA A 398 10.57 9.42 14.30
CA ALA A 398 11.14 8.22 14.89
C ALA A 398 11.01 7.07 13.89
N ILE A 399 11.73 5.98 14.17
CA ILE A 399 11.63 4.78 13.35
C ILE A 399 10.31 4.09 13.67
N ALA A 400 9.59 3.66 12.65
CA ALA A 400 8.36 2.89 12.84
C ALA A 400 8.62 1.61 13.62
N PRO A 401 7.78 1.31 14.62
CA PRO A 401 7.85 0.09 15.44
C PRO A 401 7.86 -1.18 14.59
N ASN A 402 6.98 -1.22 13.60
CA ASN A 402 6.90 -2.36 12.69
C ASN A 402 6.65 -1.87 11.28
N THR A 403 7.19 -2.58 10.29
CA THR A 403 7.09 -2.15 8.91
C THR A 403 6.56 -3.23 7.97
N GLU A 404 6.42 -4.46 8.46
CA GLU A 404 6.08 -5.58 7.58
C GLU A 404 4.60 -5.56 7.22
N ALA A 405 4.31 -5.59 5.92
CA ALA A 405 2.94 -5.57 5.45
C ALA A 405 2.13 -6.73 6.05
N ALA A 406 2.77 -7.88 6.21
CA ALA A 406 2.10 -9.06 6.76
C ALA A 406 1.65 -8.79 8.20
N PHE A 407 2.45 -8.03 8.93
CA PHE A 407 2.12 -7.72 10.32
C PHE A 407 0.96 -6.73 10.38
N GLY A 408 0.97 -5.76 9.48
CA GLY A 408 -0.14 -4.82 9.37
C GLY A 408 -1.44 -5.55 9.07
N THR A 409 -1.34 -6.54 8.19
CA THR A 409 -2.50 -7.33 7.78
C THR A 409 -2.97 -8.25 8.91
N ALA A 410 -2.03 -8.72 9.72
CA ALA A 410 -2.38 -9.49 10.91
C ALA A 410 -3.14 -8.60 11.90
N ARG A 411 -2.69 -7.36 12.04
CA ARG A 411 -3.40 -6.42 12.89
C ARG A 411 -4.80 -6.16 12.33
N LEU A 412 -4.90 -6.11 11.01
CA LEU A 412 -6.19 -5.90 10.36
C LEU A 412 -7.14 -7.06 10.68
N ALA A 413 -6.62 -8.28 10.62
CA ALA A 413 -7.42 -9.46 10.92
C ALA A 413 -7.88 -9.43 12.37
N ALA A 414 -6.97 -9.05 13.27
CA ALA A 414 -7.25 -9.07 14.70
C ALA A 414 -8.21 -7.97 15.15
N PHE A 415 -7.99 -6.76 14.66
CA PHE A 415 -8.63 -5.57 15.22
C PHE A 415 -9.45 -4.76 14.21
N GLY A 416 -9.35 -5.11 12.92
CA GLY A 416 -10.07 -4.37 11.91
C GLY A 416 -9.60 -2.92 11.87
N LEU A 417 -10.47 -2.02 11.44
CA LEU A 417 -10.12 -0.60 11.36
C LEU A 417 -10.72 0.19 12.53
N ALA A 418 -10.98 -0.49 13.64
CA ALA A 418 -11.63 0.12 14.80
C ALA A 418 -10.85 1.32 15.36
N ALA A 419 -9.52 1.30 15.29
CA ALA A 419 -8.72 2.36 15.87
C ALA A 419 -8.88 3.68 15.12
N PHE A 420 -9.35 3.60 13.88
CA PHE A 420 -9.44 4.76 13.02
C PHE A 420 -10.79 5.47 13.15
N HIS A 421 -11.12 5.88 14.37
CA HIS A 421 -12.35 6.62 14.65
C HIS A 421 -12.10 7.60 15.80
N SER A 422 -12.88 8.68 15.82
CA SER A 422 -12.59 9.85 16.67
C SER A 422 -12.50 9.58 18.18
N ALA A 423 -12.94 8.41 18.63
CA ALA A 423 -12.92 8.09 20.06
C ALA A 423 -11.49 7.97 20.58
N GLY A 424 -10.54 7.72 19.67
CA GLY A 424 -9.15 7.52 20.06
C GLY A 424 -8.30 8.78 20.03
N LEU A 425 -8.88 9.90 19.64
CA LEU A 425 -8.16 11.18 19.56
C LEU A 425 -7.52 11.57 20.89
N LYS A 426 -6.53 12.45 20.82
CA LYS A 426 -5.87 12.95 22.03
C LYS A 426 -6.86 13.69 22.92
N ARG A 427 -6.73 13.50 24.23
CA ARG A 427 -7.65 14.08 25.20
C ARG A 427 -7.52 15.60 25.28
N THR A 428 -8.66 16.30 25.33
CA THR A 428 -8.65 17.75 25.47
C THR A 428 -9.30 18.17 26.79
N LEU A 429 -9.81 17.18 27.52
CA LEU A 429 -10.46 17.38 28.82
C LEU A 429 -9.62 18.22 29.78
N GLU A 430 -10.22 19.30 30.29
CA GLU A 430 -9.57 20.14 31.29
C GLU A 430 -10.59 20.61 32.32
N HIS A 431 -10.20 20.59 33.59
CA HIS A 431 -11.07 21.02 34.68
C HIS A 431 -10.78 22.45 35.09
PB ADP B . 13.26 -0.69 -1.66
O1B ADP B . 13.78 -1.04 -3.03
O2B ADP B . 12.13 -1.60 -1.18
O3B ADP B . 12.99 0.78 -1.46
PA ADP B . 14.75 -0.40 0.76
O1A ADP B . 15.51 -1.44 1.56
O2A ADP B . 13.47 0.17 1.31
O3A ADP B . 14.51 -1.02 -0.70
O5' ADP B . 15.75 0.85 0.52
C5' ADP B . 16.77 0.79 -0.47
C4' ADP B . 17.50 2.12 -0.43
O4' ADP B . 17.91 2.45 0.89
C3' ADP B . 18.77 2.10 -1.28
O3' ADP B . 18.59 2.94 -2.42
C2' ADP B . 19.86 2.69 -0.41
O2' ADP B . 20.53 3.75 -1.09
C1' ADP B . 19.10 3.23 0.79
N9 ADP B . 19.94 3.18 2.01
C8 ADP B . 20.56 2.11 2.54
N7 ADP B . 21.26 2.46 3.65
C5 ADP B . 21.10 3.78 3.83
C6 ADP B . 21.56 4.80 4.79
N6 ADP B . 22.36 4.45 5.83
N1 ADP B . 21.15 6.07 4.62
C2 ADP B . 20.35 6.43 3.59
N3 ADP B . 19.89 5.56 2.68
C4 ADP B . 20.23 4.26 2.74
#